data_3G2Q
#
_entry.id   3G2Q
#
_cell.length_a   126.611
_cell.length_b   71.918
_cell.length_c   75.062
_cell.angle_alpha   90.000
_cell.angle_beta   103.820
_cell.angle_gamma   90.000
#
_symmetry.space_group_name_H-M   'C 1 2 1'
#
loop_
_entity.id
_entity.type
_entity.pdbx_description
1 polymer PCZA361.24
2 non-polymer SINEFUNGIN
3 water water
#
_entity_poly.entity_id   1
_entity_poly.type   'polypeptide(L)'
_entity_poly.pdbx_seq_one_letter_code
;MGSSHHHHHHSGGLVPRGSMSNQLERGPVRTPHADVLLASVGERGVLCDFYDEGAADTYRDLIQDADGTSEAREFATRTG
PVSGPVLELAAGMGRLTFPFLDLGWEVTALELSTSVLAAFRKRLAEAPADVRDRCTLVQGDMSAFALDKRFGTVVISSGS
INELDEADRRGLYASVREHLEPGGKFLLSLAMSEAAESEPLERKQELPGRSGRRYVLHVRHLPAEEIQEITIHPADETTD
PFVVCTHRRRLLAPDQVVRELVRSGFDVIAQTPFASGGAGRKDMVLVEAVMPGATADAR
;
_entity_poly.pdbx_strand_id   A,B
#
# COMPACT_ATOMS: atom_id res chain seq x y z
N GLY A 27 -10.28 -15.19 13.11
CA GLY A 27 -10.89 -15.50 11.77
C GLY A 27 -11.10 -14.24 10.93
N PRO A 28 -12.34 -13.72 10.92
CA PRO A 28 -12.63 -12.43 10.29
C PRO A 28 -11.95 -11.25 10.99
N VAL A 29 -11.88 -10.11 10.30
CA VAL A 29 -11.31 -8.88 10.85
C VAL A 29 -12.16 -8.36 12.01
N ARG A 30 -11.56 -8.31 13.21
CA ARG A 30 -12.26 -7.84 14.41
C ARG A 30 -12.10 -6.32 14.58
N THR A 31 -12.98 -5.56 13.93
CA THR A 31 -12.88 -4.10 13.91
C THR A 31 -13.25 -3.48 15.27
N PRO A 32 -12.81 -2.22 15.53
CA PRO A 32 -13.12 -1.59 16.83
C PRO A 32 -14.63 -1.52 17.07
N HIS A 33 -15.40 -1.20 16.04
CA HIS A 33 -16.84 -1.13 16.17
C HIS A 33 -17.46 -2.53 16.36
N ALA A 34 -16.89 -3.51 15.66
CA ALA A 34 -17.33 -4.91 15.80
C ALA A 34 -17.13 -5.41 17.23
N ASP A 35 -15.97 -5.11 17.79
CA ASP A 35 -15.59 -5.48 19.16
C ASP A 35 -16.65 -5.08 20.18
N VAL A 36 -17.05 -3.81 20.11
CA VAL A 36 -18.00 -3.24 21.08
C VAL A 36 -19.43 -3.72 20.83
N LEU A 37 -19.79 -3.93 19.56
CA LEU A 37 -21.09 -4.54 19.23
C LEU A 37 -21.25 -5.95 19.77
N LEU A 38 -20.20 -6.78 19.60
CA LEU A 38 -20.24 -8.19 20.01
C LEU A 38 -20.33 -8.37 21.52
N ALA A 39 -19.70 -7.47 22.26
CA ALA A 39 -19.83 -7.42 23.72
C ALA A 39 -21.26 -7.04 24.12
N SER A 40 -21.78 -6.01 23.44
CA SER A 40 -23.11 -5.45 23.68
C SER A 40 -24.28 -6.36 23.24
N VAL A 41 -23.97 -7.44 22.55
CA VAL A 41 -24.99 -8.30 21.96
C VAL A 41 -25.01 -9.71 22.57
N GLY A 42 -23.91 -10.08 23.24
CA GLY A 42 -23.86 -11.27 24.09
C GLY A 42 -23.76 -12.63 23.42
N GLU A 43 -24.86 -13.09 22.82
CA GLU A 43 -24.91 -14.42 22.22
C GLU A 43 -25.60 -14.49 20.85
N ARG A 44 -26.49 -13.54 20.56
CA ARG A 44 -27.09 -13.42 19.23
C ARG A 44 -26.01 -13.12 18.17
N GLY A 45 -24.84 -12.66 18.62
CA GLY A 45 -23.79 -12.12 17.76
C GLY A 45 -22.81 -13.09 17.15
N VAL A 46 -22.63 -12.95 15.84
CA VAL A 46 -21.64 -13.72 15.08
C VAL A 46 -20.78 -12.74 14.28
N LEU A 47 -19.46 -12.92 14.34
CA LEU A 47 -18.52 -12.17 13.53
C LEU A 47 -18.14 -12.92 12.23
N CYS A 48 -18.45 -12.30 11.09
CA CYS A 48 -18.12 -12.85 9.76
C CYS A 48 -17.34 -11.87 8.91
N ASP A 49 -16.62 -12.39 7.91
CA ASP A 49 -16.05 -11.56 6.85
C ASP A 49 -17.13 -11.33 5.79
N PHE A 50 -17.18 -10.13 5.21
CA PHE A 50 -18.21 -9.79 4.21
C PHE A 50 -18.20 -10.72 3.00
N TYR A 51 -17.01 -11.23 2.65
CA TYR A 51 -16.88 -12.10 1.49
C TYR A 51 -16.91 -13.60 1.82
N ASP A 52 -17.84 -13.98 2.71
CA ASP A 52 -18.21 -15.39 2.88
C ASP A 52 -19.73 -15.59 3.05
N GLU A 53 -20.17 -16.29 4.11
CA GLU A 53 -21.61 -16.53 4.38
C GLU A 53 -22.42 -15.23 4.28
N GLY A 54 -22.99 -15.01 3.09
CA GLY A 54 -23.46 -13.67 2.71
C GLY A 54 -24.87 -13.50 2.17
N ALA A 55 -25.84 -13.46 3.09
CA ALA A 55 -27.17 -12.96 2.78
C ALA A 55 -27.13 -11.49 2.29
N ALA A 56 -25.97 -10.84 2.40
CA ALA A 56 -25.80 -9.46 1.96
C ALA A 56 -24.78 -9.31 0.82
N ALA A 66 -25.78 -6.44 -7.60
CA ALA A 66 -24.67 -5.86 -8.36
C ALA A 66 -25.17 -5.16 -9.63
N ASP A 67 -24.98 -3.83 -9.65
CA ASP A 67 -25.33 -3.01 -10.81
C ASP A 67 -24.30 -1.92 -11.07
N GLY A 68 -23.74 -1.94 -12.28
CA GLY A 68 -22.78 -0.92 -12.68
C GLY A 68 -23.04 -0.39 -14.08
N THR A 69 -24.31 -0.18 -14.42
CA THR A 69 -24.68 0.43 -15.71
C THR A 69 -24.18 1.88 -15.81
N SER A 70 -23.90 2.48 -14.65
CA SER A 70 -23.41 3.87 -14.59
C SER A 70 -21.89 3.98 -14.66
N GLU A 71 -21.17 3.07 -13.99
CA GLU A 71 -19.73 2.93 -14.18
C GLU A 71 -19.44 2.54 -15.63
N ALA A 72 -20.17 1.55 -16.14
CA ALA A 72 -20.08 1.15 -17.54
C ALA A 72 -20.30 2.31 -18.52
N ARG A 73 -21.22 3.21 -18.17
CA ARG A 73 -21.50 4.39 -18.99
C ARG A 73 -20.34 5.37 -18.97
N GLU A 74 -19.68 5.51 -17.82
CA GLU A 74 -18.44 6.30 -17.73
C GLU A 74 -17.36 5.79 -18.68
N PHE A 75 -17.16 4.49 -18.71
CA PHE A 75 -16.23 3.88 -19.66
C PHE A 75 -16.63 4.18 -21.11
N ALA A 76 -17.89 3.85 -21.46
CA ALA A 76 -18.44 4.11 -22.80
C ALA A 76 -18.27 5.57 -23.22
N THR A 77 -18.60 6.49 -22.32
CA THR A 77 -18.49 7.94 -22.51
C THR A 77 -17.06 8.40 -22.80
N ARG A 78 -16.07 7.60 -22.39
CA ARG A 78 -14.66 7.97 -22.55
C ARG A 78 -13.93 7.13 -23.61
N THR A 79 -14.69 6.26 -24.28
CA THR A 79 -14.23 5.52 -25.45
C THR A 79 -14.84 6.14 -26.72
N GLY A 80 -16.15 5.92 -26.90
CA GLY A 80 -16.87 6.36 -28.10
C GLY A 80 -16.36 5.64 -29.35
N VAL A 82 -17.09 2.86 -30.20
CA VAL A 82 -15.92 2.00 -30.26
C VAL A 82 -15.71 1.43 -31.67
N SER A 83 -14.43 1.29 -32.04
CA SER A 83 -14.04 0.72 -33.34
C SER A 83 -14.24 -0.80 -33.40
N GLY A 84 -13.63 -1.51 -32.44
CA GLY A 84 -13.69 -2.98 -32.41
C GLY A 84 -13.64 -3.57 -31.00
N PRO A 85 -13.08 -4.79 -30.87
CA PRO A 85 -12.96 -5.55 -29.63
C PRO A 85 -12.43 -4.76 -28.42
N VAL A 86 -13.04 -5.01 -27.26
CA VAL A 86 -12.64 -4.45 -25.98
C VAL A 86 -12.16 -5.58 -25.09
N LEU A 87 -10.99 -5.43 -24.48
CA LEU A 87 -10.54 -6.37 -23.45
C LEU A 87 -10.97 -5.91 -22.05
N GLU A 88 -11.76 -6.72 -21.36
CA GLU A 88 -12.06 -6.42 -19.95
C GLU A 88 -11.36 -7.36 -18.97
N LEU A 89 -10.58 -6.77 -18.05
CA LEU A 89 -9.74 -7.53 -17.11
C LEU A 89 -10.40 -7.71 -15.78
N ALA A 90 -10.24 -8.90 -15.19
CA ALA A 90 -10.93 -9.28 -13.97
C ALA A 90 -12.46 -9.03 -14.09
N ALA A 91 -13.06 -9.61 -15.12
CA ALA A 91 -14.45 -9.30 -15.45
C ALA A 91 -15.46 -9.80 -14.41
N GLY A 92 -15.03 -10.70 -13.54
CA GLY A 92 -15.90 -11.19 -12.48
C GLY A 92 -17.06 -11.94 -13.13
N MET A 93 -18.27 -11.66 -12.67
CA MET A 93 -19.44 -12.31 -13.29
C MET A 93 -20.19 -11.43 -14.29
N GLY A 94 -19.53 -10.36 -14.74
CA GLY A 94 -20.08 -9.51 -15.79
C GLY A 94 -20.89 -8.30 -15.36
N ARG A 95 -20.73 -7.86 -14.13
CA ARG A 95 -21.37 -6.61 -13.65
C ARG A 95 -21.15 -5.42 -14.60
N LEU A 96 -19.98 -5.32 -15.22
CA LEU A 96 -19.77 -4.29 -16.23
C LEU A 96 -19.89 -4.85 -17.63
N THR A 97 -19.54 -6.13 -17.80
CA THR A 97 -19.47 -6.78 -19.10
C THR A 97 -20.83 -6.83 -19.80
N PHE A 98 -21.85 -7.24 -19.07
CA PHE A 98 -23.19 -7.30 -19.67
C PHE A 98 -23.67 -5.92 -20.14
N PRO A 99 -23.59 -4.89 -19.28
CA PRO A 99 -23.77 -3.52 -19.77
C PRO A 99 -22.95 -3.16 -21.03
N PHE A 100 -21.67 -3.53 -21.10
CA PHE A 100 -20.87 -3.32 -22.32
C PHE A 100 -21.42 -4.08 -23.53
N LEU A 101 -21.81 -5.33 -23.30
CA LEU A 101 -22.41 -6.14 -24.35
C LEU A 101 -23.71 -5.53 -24.92
N ASP A 102 -24.49 -4.89 -24.06
CA ASP A 102 -25.74 -4.24 -24.45
C ASP A 102 -25.54 -3.00 -25.32
N LEU A 103 -24.28 -2.57 -25.46
CA LEU A 103 -23.95 -1.39 -26.26
C LEU A 103 -23.42 -1.76 -27.65
N GLY A 104 -23.42 -3.06 -27.96
CA GLY A 104 -22.90 -3.54 -29.23
C GLY A 104 -21.42 -3.94 -29.20
N TRP A 105 -20.73 -3.63 -28.10
CA TRP A 105 -19.31 -3.99 -27.91
C TRP A 105 -19.06 -5.48 -28.07
N GLU A 106 -18.00 -5.82 -28.81
CA GLU A 106 -17.40 -7.14 -28.75
C GLU A 106 -16.45 -7.11 -27.54
N VAL A 107 -16.72 -7.96 -26.54
CA VAL A 107 -15.91 -8.00 -25.32
C VAL A 107 -15.19 -9.33 -25.14
N THR A 108 -13.87 -9.27 -24.95
CA THR A 108 -13.14 -10.38 -24.35
C THR A 108 -13.08 -10.14 -22.82
N ALA A 109 -13.64 -11.07 -22.05
CA ALA A 109 -13.66 -10.95 -20.62
C ALA A 109 -12.69 -11.94 -19.99
N LEU A 110 -11.70 -11.41 -19.28
CA LEU A 110 -10.68 -12.22 -18.66
C LEU A 110 -10.90 -12.29 -17.16
N GLU A 111 -10.83 -13.49 -16.60
CA GLU A 111 -11.08 -13.65 -15.21
C GLU A 111 -10.22 -14.83 -14.74
N LEU A 112 -9.76 -14.77 -13.48
CA LEU A 112 -8.87 -15.78 -12.90
C LEU A 112 -9.57 -16.99 -12.27
N SER A 113 -10.64 -16.75 -11.53
CA SER A 113 -11.32 -17.80 -10.79
C SER A 113 -12.22 -18.63 -11.69
N THR A 114 -12.04 -19.94 -11.62
CA THR A 114 -12.80 -20.87 -12.43
C THR A 114 -14.28 -20.90 -12.02
N SER A 115 -14.57 -20.81 -10.72
CA SER A 115 -15.95 -20.78 -10.25
C SER A 115 -16.68 -19.52 -10.68
N VAL A 116 -15.98 -18.38 -10.65
CA VAL A 116 -16.55 -17.12 -11.16
C VAL A 116 -16.82 -17.19 -12.67
N LEU A 117 -15.90 -17.77 -13.43
CA LEU A 117 -16.08 -18.02 -14.86
C LEU A 117 -17.24 -18.94 -15.16
N ALA A 118 -17.44 -19.95 -14.31
CA ALA A 118 -18.60 -20.84 -14.40
C ALA A 118 -19.91 -20.07 -14.26
N ALA A 119 -20.00 -19.23 -13.22
CA ALA A 119 -21.17 -18.39 -12.98
C ALA A 119 -21.42 -17.37 -14.10
N PHE A 120 -20.34 -16.83 -14.68
CA PHE A 120 -20.43 -15.97 -15.85
C PHE A 120 -21.02 -16.75 -17.02
N ARG A 121 -20.48 -17.94 -17.26
CA ARG A 121 -20.91 -18.79 -18.36
C ARG A 121 -22.41 -19.12 -18.27
N LYS A 122 -22.92 -19.36 -17.06
CA LYS A 122 -24.35 -19.60 -16.84
C LYS A 122 -25.19 -18.40 -17.29
N ARG A 123 -24.87 -17.22 -16.74
CA ARG A 123 -25.55 -15.97 -17.10
C ARG A 123 -25.52 -15.73 -18.60
N LEU A 124 -24.35 -15.96 -19.21
CA LEU A 124 -24.16 -15.80 -20.64
C LEU A 124 -24.97 -16.80 -21.49
N ALA A 125 -25.32 -17.95 -20.90
CA ALA A 125 -26.12 -18.97 -21.59
C ALA A 125 -27.61 -18.59 -21.65
N GLU A 126 -28.06 -17.80 -20.68
CA GLU A 126 -29.43 -17.33 -20.59
C GLU A 126 -29.64 -16.00 -21.33
N ALA A 127 -28.70 -15.66 -22.21
CA ALA A 127 -28.68 -14.36 -22.87
C ALA A 127 -28.98 -14.52 -24.36
N PRO A 128 -29.61 -13.50 -24.98
CA PRO A 128 -29.89 -13.53 -26.42
C PRO A 128 -28.61 -13.82 -27.24
N ALA A 129 -28.74 -14.63 -28.29
CA ALA A 129 -27.60 -15.10 -29.08
C ALA A 129 -26.77 -14.00 -29.75
N ASP A 130 -27.26 -12.77 -29.70
CA ASP A 130 -26.48 -11.63 -30.17
C ASP A 130 -25.55 -11.09 -29.08
N VAL A 131 -26.01 -11.13 -27.83
CA VAL A 131 -25.19 -10.81 -26.66
C VAL A 131 -24.17 -11.93 -26.47
N ARG A 132 -24.68 -13.15 -26.40
CA ARG A 132 -23.90 -14.37 -26.15
C ARG A 132 -22.76 -14.60 -27.14
N ASP A 133 -22.86 -14.03 -28.34
CA ASP A 133 -21.84 -14.26 -29.37
C ASP A 133 -20.81 -13.14 -29.56
N ARG A 134 -21.06 -11.98 -28.95
CA ARG A 134 -20.09 -10.89 -28.90
C ARG A 134 -19.19 -10.96 -27.65
N CYS A 135 -19.38 -12.01 -26.86
CA CYS A 135 -18.61 -12.22 -25.63
C CYS A 135 -17.66 -13.39 -25.76
N THR A 136 -16.37 -13.13 -25.57
CA THR A 136 -15.39 -14.20 -25.42
C THR A 136 -14.92 -14.26 -23.96
N LEU A 137 -14.96 -15.45 -23.39
CA LEU A 137 -14.55 -15.66 -22.00
CA LEU A 137 -14.56 -15.67 -22.01
C LEU A 137 -13.21 -16.39 -21.96
N VAL A 138 -12.28 -15.83 -21.20
CA VAL A 138 -10.92 -16.40 -21.09
C VAL A 138 -10.50 -16.47 -19.63
N GLN A 139 -9.93 -17.60 -19.23
CA GLN A 139 -9.32 -17.70 -17.95
C GLN A 139 -7.87 -17.17 -18.02
N GLY A 140 -7.53 -16.28 -17.08
CA GLY A 140 -6.18 -15.74 -17.05
C GLY A 140 -5.93 -14.85 -15.85
N ASP A 141 -4.65 -14.62 -15.60
CA ASP A 141 -4.14 -13.77 -14.53
C ASP A 141 -3.89 -12.39 -15.12
N MET A 142 -4.63 -11.37 -14.70
CA MET A 142 -4.48 -10.04 -15.33
C MET A 142 -3.07 -9.40 -15.05
N SER A 143 -2.31 -10.00 -14.13
CA SER A 143 -0.93 -9.57 -13.86
C SER A 143 0.12 -10.17 -14.80
N ALA A 144 -0.21 -11.27 -15.48
CA ALA A 144 0.74 -11.94 -16.37
C ALA A 144 -0.08 -12.76 -17.34
N PHE A 145 -0.68 -12.09 -18.32
CA PHE A 145 -1.55 -12.77 -19.27
C PHE A 145 -1.05 -12.56 -20.71
N ALA A 146 -1.49 -13.41 -21.61
CA ALA A 146 -1.05 -13.31 -22.99
C ALA A 146 -2.11 -13.95 -23.87
N LEU A 147 -2.67 -13.14 -24.77
CA LEU A 147 -3.66 -13.62 -25.74
C LEU A 147 -3.12 -13.50 -27.15
N ASP A 148 -3.70 -14.27 -28.06
CA ASP A 148 -3.36 -14.19 -29.48
C ASP A 148 -4.28 -13.16 -30.11
N LYS A 149 -4.26 -11.96 -29.55
CA LYS A 149 -5.14 -10.86 -29.95
C LYS A 149 -4.68 -9.52 -29.33
N ARG A 150 -4.82 -8.45 -30.08
CA ARG A 150 -4.62 -7.10 -29.57
C ARG A 150 -5.94 -6.35 -29.63
N PHE A 151 -6.04 -5.25 -28.87
CA PHE A 151 -7.32 -4.56 -28.66
C PHE A 151 -7.21 -3.05 -28.78
N GLY A 152 -8.27 -2.42 -29.27
CA GLY A 152 -8.32 -0.96 -29.31
C GLY A 152 -8.56 -0.36 -27.94
N THR A 153 -9.21 -1.12 -27.06
CA THR A 153 -9.59 -0.67 -25.73
C THR A 153 -9.37 -1.80 -24.73
N VAL A 154 -8.77 -1.45 -23.60
CA VAL A 154 -8.62 -2.34 -22.45
C VAL A 154 -9.19 -1.62 -21.22
N VAL A 155 -10.06 -2.32 -20.49
CA VAL A 155 -10.73 -1.73 -19.32
C VAL A 155 -10.52 -2.58 -18.07
N ILE A 156 -10.36 -1.91 -16.93
CA ILE A 156 -10.32 -2.57 -15.63
C ILE A 156 -11.01 -1.72 -14.56
N SER A 157 -11.72 -2.34 -13.63
CA SER A 157 -12.36 -1.55 -12.56
C SER A 157 -11.58 -1.49 -11.25
N SER A 158 -11.91 -0.48 -10.43
CA SER A 158 -11.25 -0.28 -9.15
C SER A 158 -11.18 -1.56 -8.34
N GLY A 159 -12.33 -2.21 -8.17
CA GLY A 159 -12.41 -3.43 -7.36
C GLY A 159 -11.25 -4.33 -7.70
N SER A 160 -10.85 -4.26 -8.98
CA SER A 160 -9.95 -5.22 -9.59
C SER A 160 -8.47 -4.82 -9.48
N ILE A 161 -8.11 -3.62 -9.87
CA ILE A 161 -6.69 -3.24 -9.77
C ILE A 161 -6.16 -3.21 -8.33
N ASN A 162 -7.04 -2.95 -7.37
CA ASN A 162 -6.73 -3.00 -5.96
C ASN A 162 -6.59 -4.44 -5.46
N GLU A 163 -6.96 -5.40 -6.30
CA GLU A 163 -6.66 -6.80 -6.04
C GLU A 163 -5.15 -7.07 -6.06
N LEU A 164 -4.39 -6.21 -6.73
CA LEU A 164 -2.97 -6.50 -7.01
C LEU A 164 -2.00 -5.74 -6.14
N ASP A 165 -0.97 -6.42 -5.62
CA ASP A 165 0.15 -5.74 -4.96
C ASP A 165 1.00 -4.96 -5.97
N GLU A 166 2.08 -4.36 -5.51
CA GLU A 166 2.83 -3.43 -6.36
C GLU A 166 3.52 -4.10 -7.54
N ALA A 167 4.15 -5.25 -7.27
CA ALA A 167 4.83 -6.07 -8.29
C ALA A 167 3.87 -6.57 -9.35
N ASP A 168 2.70 -7.05 -8.91
CA ASP A 168 1.68 -7.55 -9.80
C ASP A 168 1.06 -6.46 -10.70
N ARG A 169 0.90 -5.28 -10.14
CA ARG A 169 0.46 -4.14 -10.95
C ARG A 169 1.46 -3.81 -12.07
N ARG A 170 2.75 -3.87 -11.80
CA ARG A 170 3.76 -3.69 -12.85
C ARG A 170 3.57 -4.75 -13.93
N GLY A 171 3.37 -6.01 -13.55
CA GLY A 171 3.01 -7.10 -14.48
C GLY A 171 1.76 -6.79 -15.28
N LEU A 172 0.72 -6.31 -14.63
CA LEU A 172 -0.48 -5.79 -15.33
C LEU A 172 -0.21 -4.75 -16.41
N TYR A 173 0.55 -3.71 -16.07
CA TYR A 173 0.81 -2.61 -16.97
C TYR A 173 1.63 -3.06 -18.18
N ALA A 174 2.62 -3.90 -17.95
CA ALA A 174 3.43 -4.42 -19.03
C ALA A 174 2.55 -5.27 -19.96
N SER A 175 1.74 -6.16 -19.37
CA SER A 175 0.85 -7.05 -20.13
C SER A 175 -0.14 -6.25 -20.98
N VAL A 176 -0.68 -5.17 -20.40
CA VAL A 176 -1.68 -4.36 -21.10
C VAL A 176 -1.04 -3.69 -22.31
N ARG A 177 0.13 -3.07 -22.14
CA ARG A 177 0.89 -2.50 -23.25
C ARG A 177 0.98 -3.46 -24.46
N GLU A 178 1.26 -4.73 -24.17
CA GLU A 178 1.43 -5.76 -25.18
C GLU A 178 0.12 -6.14 -25.88
N HIS A 179 -1.01 -5.73 -25.31
CA HIS A 179 -2.32 -6.08 -25.88
C HIS A 179 -3.07 -4.90 -26.47
N LEU A 180 -2.43 -3.74 -26.52
CA LEU A 180 -3.01 -2.55 -27.12
C LEU A 180 -2.57 -2.42 -28.55
N GLU A 181 -3.52 -2.06 -29.41
CA GLU A 181 -3.19 -1.74 -30.77
C GLU A 181 -2.63 -0.32 -30.82
N PRO A 182 -1.90 0.01 -31.90
CA PRO A 182 -1.49 1.40 -32.13
C PRO A 182 -2.64 2.39 -31.84
N GLY A 183 -2.40 3.33 -30.93
CA GLY A 183 -3.40 4.33 -30.52
C GLY A 183 -4.52 3.84 -29.60
N GLY A 184 -4.38 2.63 -29.07
CA GLY A 184 -5.40 2.03 -28.20
C GLY A 184 -5.42 2.63 -26.80
N LYS A 185 -6.56 2.57 -26.12
CA LYS A 185 -6.64 3.12 -24.76
C LYS A 185 -6.80 2.11 -23.62
N PHE A 186 -6.18 2.44 -22.51
CA PHE A 186 -6.29 1.68 -21.28
C PHE A 186 -7.10 2.53 -20.31
N LEU A 187 -8.27 2.03 -19.94
CA LEU A 187 -9.22 2.75 -19.11
C LEU A 187 -9.36 2.06 -17.76
N LEU A 188 -9.25 2.84 -16.70
CA LEU A 188 -9.31 2.32 -15.33
C LEU A 188 -10.31 3.19 -14.54
N SER A 189 -11.08 2.54 -13.67
CA SER A 189 -11.87 3.28 -12.68
C SER A 189 -11.21 3.03 -11.35
N LEU A 190 -11.16 4.03 -10.49
CA LEU A 190 -10.41 3.93 -9.25
C LEU A 190 -11.25 4.60 -8.20
N ALA A 191 -11.57 3.90 -7.11
CA ALA A 191 -12.25 4.53 -5.98
C ALA A 191 -11.31 5.54 -5.30
N MET A 192 -11.89 6.68 -4.94
CA MET A 192 -11.18 7.82 -4.38
C MET A 192 -11.69 8.11 -2.97
N SER A 193 -10.83 7.84 -1.98
CA SER A 193 -11.13 8.13 -0.58
C SER A 193 -11.15 9.64 -0.30
N GLU A 194 -11.69 10.03 0.86
CA GLU A 194 -11.67 11.44 1.30
C GLU A 194 -10.24 12.00 1.29
N ALA A 195 -9.29 11.28 1.87
CA ALA A 195 -7.90 11.69 1.85
C ALA A 195 -7.32 11.80 0.44
N ALA A 196 -7.68 10.88 -0.45
CA ALA A 196 -7.24 10.99 -1.84
C ALA A 196 -7.92 12.15 -2.60
N GLU A 197 -9.12 12.53 -2.19
CA GLU A 197 -9.85 13.62 -2.87
C GLU A 197 -9.29 15.00 -2.50
N SER A 198 -8.92 15.19 -1.22
CA SER A 198 -8.39 16.46 -0.72
C SER A 198 -7.09 16.88 -1.40
N GLU A 199 -6.87 18.19 -1.54
CA GLU A 199 -5.55 18.72 -1.85
C GLU A 199 -4.67 18.48 -0.63
N PRO A 200 -3.56 17.74 -0.80
CA PRO A 200 -2.65 17.46 0.32
C PRO A 200 -2.27 18.74 1.05
N LEU A 201 -2.33 18.70 2.37
CA LEU A 201 -1.99 19.87 3.17
C LEU A 201 -0.47 20.12 3.16
N GLU A 202 -0.11 21.38 2.90
CA GLU A 202 1.27 21.83 2.88
C GLU A 202 1.70 22.38 4.23
N ARG A 203 2.99 22.27 4.51
CA ARG A 203 3.60 23.03 5.60
C ARG A 203 4.78 23.83 5.06
N LYS A 204 4.48 25.11 4.76
CA LYS A 204 5.49 26.07 4.35
C LYS A 204 6.36 26.42 5.55
N GLN A 205 7.66 26.60 5.33
CA GLN A 205 8.59 26.90 6.41
C GLN A 205 9.49 28.09 6.07
N VAL A 216 12.36 29.03 1.70
CA VAL A 216 11.04 28.41 1.89
C VAL A 216 11.11 26.91 1.59
N LEU A 217 10.55 26.09 2.48
CA LEU A 217 10.49 24.65 2.27
C LEU A 217 9.03 24.20 2.14
N HIS A 218 8.66 23.71 0.96
CA HIS A 218 7.33 23.12 0.74
C HIS A 218 7.34 21.62 0.94
N VAL A 219 6.64 21.15 1.98
CA VAL A 219 6.46 19.73 2.24
C VAL A 219 4.99 19.34 2.08
N ARG A 220 4.76 18.26 1.34
CA ARG A 220 3.44 17.63 1.21
C ARG A 220 3.51 16.14 1.54
N HIS A 221 2.45 15.62 2.15
CA HIS A 221 2.27 14.18 2.27
C HIS A 221 1.15 13.77 1.33
N LEU A 222 1.51 12.99 0.31
CA LEU A 222 0.56 12.57 -0.71
C LEU A 222 0.08 11.16 -0.37
N PRO A 223 -1.26 10.92 -0.46
CA PRO A 223 -1.77 9.58 -0.20
C PRO A 223 -1.27 8.61 -1.26
N ALA A 224 -0.85 7.44 -0.85
CA ALA A 224 -0.47 6.42 -1.83
C ALA A 224 -1.36 5.19 -1.71
N GLU A 225 -1.50 4.68 -0.50
CA GLU A 225 -2.29 3.50 -0.26
C GLU A 225 -2.91 3.53 1.11
N GLU A 226 -4.19 3.17 1.14
CA GLU A 226 -4.91 3.02 2.40
C GLU A 226 -5.51 1.63 2.43
N ILE A 227 -6.02 1.28 3.61
CA ILE A 227 -6.82 0.09 3.79
C ILE A 227 -8.25 0.56 4.00
N GLN A 228 -9.14 0.12 3.11
CA GLN A 228 -10.55 0.34 3.33
C GLN A 228 -11.14 -0.75 4.22
N GLU A 229 -11.63 -0.31 5.39
CA GLU A 229 -12.21 -1.17 6.39
C GLU A 229 -13.70 -0.90 6.55
N ILE A 230 -14.50 -1.95 6.40
CA ILE A 230 -15.95 -1.86 6.57
C ILE A 230 -16.45 -2.77 7.69
N THR A 231 -17.55 -2.37 8.31
CA THR A 231 -18.27 -3.16 9.28
C THR A 231 -19.75 -2.97 8.92
N ILE A 232 -20.44 -4.08 8.66
CA ILE A 232 -21.85 -4.05 8.31
C ILE A 232 -22.65 -4.91 9.30
N HIS A 233 -23.76 -4.37 9.80
CA HIS A 233 -24.68 -5.09 10.69
C HIS A 233 -26.12 -4.60 10.48
N PRO A 234 -27.13 -5.38 10.95
CA PRO A 234 -28.52 -4.92 10.84
C PRO A 234 -28.79 -3.69 11.70
N ALA A 235 -29.65 -2.80 11.22
CA ALA A 235 -29.93 -1.55 11.91
C ALA A 235 -30.55 -1.75 13.31
N ASP A 236 -31.21 -2.88 13.50
CA ASP A 236 -31.74 -3.28 14.81
C ASP A 236 -30.61 -3.73 15.75
N GLU A 237 -30.97 -4.55 16.75
CA GLU A 237 -30.02 -5.13 17.69
C GLU A 237 -30.46 -6.52 18.09
N THR A 238 -31.77 -6.78 18.01
CA THR A 238 -32.33 -8.12 18.25
C THR A 238 -31.96 -9.05 17.09
N THR A 239 -32.80 -9.06 16.05
CA THR A 239 -32.57 -9.86 14.83
C THR A 239 -32.44 -11.37 15.07
N ASP A 240 -31.32 -11.79 15.67
CA ASP A 240 -31.01 -13.20 16.03
C ASP A 240 -31.11 -14.21 14.88
N PRO A 241 -29.95 -14.71 14.40
CA PRO A 241 -28.60 -14.29 14.82
C PRO A 241 -28.29 -12.85 14.39
N PHE A 242 -27.47 -12.17 15.19
CA PHE A 242 -26.97 -10.83 14.84
C PHE A 242 -25.59 -10.96 14.19
N VAL A 243 -25.59 -10.89 12.87
CA VAL A 243 -24.36 -11.08 12.09
C VAL A 243 -23.62 -9.78 11.75
N VAL A 244 -22.40 -9.66 12.25
CA VAL A 244 -21.57 -8.49 11.97
C VAL A 244 -20.51 -8.84 10.91
N CYS A 245 -20.62 -8.18 9.75
CA CYS A 245 -19.75 -8.43 8.59
C CYS A 245 -18.62 -7.41 8.47
N THR A 246 -17.38 -7.89 8.44
CA THR A 246 -16.21 -7.03 8.34
C THR A 246 -15.35 -7.40 7.14
N HIS A 247 -14.52 -6.44 6.70
CA HIS A 247 -13.60 -6.66 5.60
C HIS A 247 -12.56 -5.53 5.54
N ARG A 248 -11.34 -5.92 5.16
CA ARG A 248 -10.23 -5.01 4.90
C ARG A 248 -9.71 -5.24 3.50
N ARG A 249 -9.71 -4.21 2.68
CA ARG A 249 -9.11 -4.29 1.34
C ARG A 249 -8.20 -3.10 1.03
N ARG A 250 -7.30 -3.33 0.09
CA ARG A 250 -6.36 -2.33 -0.40
C ARG A 250 -7.15 -1.24 -1.07
N LEU A 251 -6.68 0.00 -0.91
CA LEU A 251 -7.34 1.12 -1.54
C LEU A 251 -6.25 2.07 -1.93
N LEU A 252 -5.88 2.03 -3.19
CA LEU A 252 -4.89 2.89 -3.74
C LEU A 252 -5.47 4.25 -4.08
N ALA A 253 -4.62 5.28 -3.95
CA ALA A 253 -4.97 6.62 -4.39
C ALA A 253 -4.95 6.67 -5.90
N PRO A 254 -5.98 7.26 -6.54
CA PRO A 254 -5.94 7.35 -7.99
C PRO A 254 -4.64 7.93 -8.52
N ASP A 255 -4.11 8.96 -7.84
CA ASP A 255 -2.86 9.60 -8.24
C ASP A 255 -1.61 8.72 -8.14
N GLN A 256 -1.63 7.77 -7.21
CA GLN A 256 -0.57 6.77 -7.10
C GLN A 256 -0.56 5.85 -8.35
N VAL A 257 -1.73 5.37 -8.74
CA VAL A 257 -1.85 4.51 -9.93
C VAL A 257 -1.38 5.29 -11.17
N VAL A 258 -1.78 6.56 -11.24
CA VAL A 258 -1.32 7.45 -12.32
C VAL A 258 0.21 7.59 -12.38
N ARG A 259 0.84 7.84 -11.23
CA ARG A 259 2.32 7.84 -11.12
C ARG A 259 2.91 6.51 -11.60
N GLU A 260 2.30 5.40 -11.16
CA GLU A 260 2.74 4.06 -11.57
C GLU A 260 2.61 3.79 -13.10
N LEU A 261 1.46 4.16 -13.69
CA LEU A 261 1.25 4.10 -15.13
C LEU A 261 2.30 4.90 -15.94
N VAL A 262 2.52 6.15 -15.53
CA VAL A 262 3.53 7.01 -16.15
C VAL A 262 4.92 6.37 -16.08
N ARG A 263 5.26 5.84 -14.92
CA ARG A 263 6.53 5.13 -14.70
C ARG A 263 6.65 3.87 -15.56
N SER A 264 5.51 3.27 -15.88
CA SER A 264 5.50 2.07 -16.69
C SER A 264 5.57 2.34 -18.18
N GLY A 265 5.59 3.60 -18.59
CA GLY A 265 5.64 3.93 -20.00
C GLY A 265 4.36 4.43 -20.64
N PHE A 266 3.25 4.52 -19.89
CA PHE A 266 2.01 5.12 -20.40
C PHE A 266 2.01 6.65 -20.27
N ASP A 267 1.31 7.32 -21.19
CA ASP A 267 0.87 8.69 -21.00
C ASP A 267 -0.56 8.71 -20.50
N VAL A 268 -0.76 9.27 -19.30
CA VAL A 268 -2.08 9.45 -18.74
C VAL A 268 -2.65 10.75 -19.29
N ILE A 269 -3.67 10.64 -20.12
CA ILE A 269 -4.16 11.79 -20.89
C ILE A 269 -5.45 12.42 -20.34
N ALA A 270 -6.08 11.76 -19.37
CA ALA A 270 -7.24 12.29 -18.65
C ALA A 270 -7.53 11.52 -17.36
N GLN A 271 -8.09 12.21 -16.38
CA GLN A 271 -8.51 11.66 -15.10
C GLN A 271 -9.79 12.42 -14.76
N THR A 272 -10.90 11.70 -14.65
CA THR A 272 -12.22 12.32 -14.46
C THR A 272 -12.94 11.72 -13.26
N PRO A 273 -13.15 12.52 -12.21
CA PRO A 273 -13.92 12.05 -11.07
C PRO A 273 -15.37 11.87 -11.47
N PHE A 274 -16.03 10.88 -10.88
CA PHE A 274 -17.43 10.59 -11.14
C PHE A 274 -18.02 9.87 -9.94
N ALA A 275 -19.34 9.91 -9.80
CA ALA A 275 -20.02 9.22 -8.71
C ALA A 275 -20.44 7.83 -9.17
N SER A 276 -20.04 6.83 -8.39
CA SER A 276 -20.35 5.42 -8.69
C SER A 276 -21.86 5.14 -8.65
N GLY A 277 -22.57 5.87 -7.80
CA GLY A 277 -24.02 5.83 -7.79
C GLY A 277 -24.61 7.07 -8.47
N GLY A 278 -24.16 7.32 -9.70
CA GLY A 278 -24.70 8.38 -10.59
C GLY A 278 -25.10 9.73 -10.01
N ALA A 279 -24.78 9.94 -8.74
CA ALA A 279 -25.20 11.12 -7.97
C ALA A 279 -24.64 11.01 -6.54
N GLY A 280 -24.37 12.16 -5.94
CA GLY A 280 -23.75 12.21 -4.61
C GLY A 280 -22.29 12.63 -4.75
N ARG A 281 -21.49 12.37 -3.72
CA ARG A 281 -20.06 12.68 -3.79
C ARG A 281 -19.42 11.88 -4.93
N LYS A 282 -18.59 12.55 -5.71
CA LYS A 282 -17.78 11.88 -6.72
C LYS A 282 -16.78 11.01 -5.97
N ASP A 283 -17.01 9.70 -5.98
CA ASP A 283 -16.19 8.76 -5.19
C ASP A 283 -15.27 7.89 -6.04
N MET A 284 -14.98 8.33 -7.25
CA MET A 284 -14.31 7.48 -8.24
C MET A 284 -13.66 8.34 -9.31
N VAL A 285 -12.60 7.83 -9.92
CA VAL A 285 -11.90 8.52 -11.00
C VAL A 285 -11.80 7.62 -12.23
N LEU A 286 -12.03 8.19 -13.40
CA LEU A 286 -11.85 7.48 -14.65
C LEU A 286 -10.53 7.94 -15.27
N VAL A 287 -9.59 7.02 -15.34
CA VAL A 287 -8.26 7.32 -15.88
C VAL A 287 -8.17 6.77 -17.30
N GLU A 288 -7.67 7.59 -18.22
CA GLU A 288 -7.37 7.14 -19.58
C GLU A 288 -5.88 7.17 -19.82
N ALA A 289 -5.34 6.07 -20.34
CA ALA A 289 -3.91 6.04 -20.61
C ALA A 289 -3.66 5.51 -22.00
N VAL A 290 -2.61 6.03 -22.64
CA VAL A 290 -2.19 5.54 -23.95
C VAL A 290 -0.67 5.30 -23.97
N MET A 291 -0.21 4.57 -24.97
CA MET A 291 1.21 4.42 -25.21
C MET A 291 1.69 5.64 -25.99
N PRO A 292 2.81 6.23 -25.57
CA PRO A 292 3.18 7.36 -26.39
C PRO A 292 3.57 6.82 -27.77
N GLY A 293 2.93 7.38 -28.80
CA GLY A 293 3.39 7.28 -30.17
C GLY A 293 3.60 8.71 -30.66
N GLY B 27 15.60 10.76 -13.96
CA GLY B 27 15.29 12.22 -14.07
C GLY B 27 14.71 12.82 -12.80
N PRO B 28 14.45 14.14 -12.81
CA PRO B 28 13.84 14.84 -11.68
C PRO B 28 12.31 14.86 -11.73
N VAL B 29 11.68 15.01 -10.57
CA VAL B 29 10.22 15.06 -10.48
C VAL B 29 9.73 16.50 -10.60
N ARG B 30 8.85 16.76 -11.57
CA ARG B 30 8.28 18.08 -11.77
C ARG B 30 7.00 18.23 -10.94
N THR B 31 7.15 18.79 -9.73
CA THR B 31 6.02 18.95 -8.80
C THR B 31 5.02 20.02 -9.27
N PRO B 32 3.83 20.09 -8.64
CA PRO B 32 2.86 21.12 -8.99
C PRO B 32 3.34 22.55 -8.72
N HIS B 33 4.28 22.71 -7.78
CA HIS B 33 4.82 24.04 -7.49
C HIS B 33 6.29 24.21 -7.93
N ALA B 34 6.73 23.32 -8.82
CA ALA B 34 8.00 23.50 -9.53
C ALA B 34 7.73 23.91 -10.98
N CYS B 48 17.45 19.03 -11.16
CA CYS B 48 16.64 19.84 -10.26
C CYS B 48 16.06 19.02 -9.09
N ASP B 49 16.65 17.85 -8.84
CA ASP B 49 16.26 17.00 -7.71
C ASP B 49 17.08 17.35 -6.46
N PHE B 50 16.53 17.05 -5.29
CA PHE B 50 17.16 17.36 -4.00
C PHE B 50 18.37 16.47 -3.70
N TYR B 51 18.40 15.28 -4.30
CA TYR B 51 19.53 14.37 -4.17
C TYR B 51 20.14 14.07 -5.53
N ALA B 66 22.03 15.05 10.51
CA ALA B 66 21.39 15.33 11.81
C ALA B 66 22.11 14.67 12.99
N ASP B 67 21.46 14.70 14.15
CA ASP B 67 22.00 14.06 15.35
C ASP B 67 21.10 12.91 15.76
N GLY B 68 21.70 11.73 15.91
CA GLY B 68 20.95 10.55 16.27
C GLY B 68 21.07 10.20 17.72
N THR B 69 21.62 11.10 18.52
CA THR B 69 21.78 10.88 19.96
C THR B 69 20.43 10.51 20.63
N SER B 70 19.41 11.31 20.35
CA SER B 70 18.08 11.11 20.96
C SER B 70 17.45 9.81 20.46
N GLU B 71 17.51 9.58 19.15
CA GLU B 71 16.95 8.39 18.55
C GLU B 71 17.67 7.16 19.10
N ALA B 72 19.00 7.25 19.20
CA ALA B 72 19.84 6.15 19.72
C ALA B 72 19.45 5.78 21.13
N ARG B 73 19.21 6.78 21.96
CA ARG B 73 18.82 6.56 23.36
C ARG B 73 17.45 5.89 23.47
N GLU B 74 16.55 6.23 22.57
CA GLU B 74 15.25 5.57 22.54
C GLU B 74 15.40 4.07 22.28
N PHE B 75 16.32 3.71 21.39
CA PHE B 75 16.67 2.32 21.14
C PHE B 75 17.23 1.65 22.38
N ALA B 76 18.15 2.33 23.06
CA ALA B 76 18.77 1.82 24.29
C ALA B 76 17.78 1.61 25.45
N THR B 77 16.73 2.41 25.49
CA THR B 77 15.68 2.29 26.53
C THR B 77 14.89 1.00 26.34
N ARG B 78 14.61 0.66 25.09
CA ARG B 78 13.69 -0.42 24.77
C ARG B 78 14.41 -1.74 24.54
N THR B 79 15.73 -1.74 24.68
CA THR B 79 16.50 -2.97 24.62
C THR B 79 16.87 -3.37 26.05
N GLY B 80 17.01 -2.36 26.90
CA GLY B 80 17.57 -2.56 28.21
C GLY B 80 19.04 -2.84 28.11
N PRO B 81 19.49 -3.88 28.80
CA PRO B 81 20.89 -4.24 28.94
C PRO B 81 21.23 -5.11 27.75
N VAL B 82 22.37 -4.98 27.10
CA VAL B 82 22.49 -5.64 25.80
C VAL B 82 23.39 -6.86 25.59
N SER B 83 23.86 -7.50 26.64
CA SER B 83 24.73 -8.66 26.47
C SER B 83 24.96 -9.02 25.01
N GLY B 84 26.18 -8.80 24.53
CA GLY B 84 26.54 -9.18 23.18
C GLY B 84 26.41 -8.08 22.14
N PRO B 85 26.97 -8.32 20.94
CA PRO B 85 26.99 -7.32 19.89
C PRO B 85 25.61 -7.01 19.29
N VAL B 86 25.50 -5.84 18.69
CA VAL B 86 24.27 -5.39 18.10
C VAL B 86 24.48 -5.24 16.59
N LEU B 87 23.50 -5.71 15.81
CA LEU B 87 23.50 -5.53 14.36
C LEU B 87 22.63 -4.35 13.97
N GLU B 88 23.24 -3.34 13.38
CA GLU B 88 22.52 -2.20 12.83
C GLU B 88 22.47 -2.27 11.30
N LEU B 89 21.28 -2.17 10.73
CA LEU B 89 21.10 -2.39 9.28
C LEU B 89 21.08 -1.04 8.58
N ALA B 90 21.71 -0.97 7.40
CA ALA B 90 21.86 0.29 6.65
C ALA B 90 22.38 1.40 7.56
N ALA B 91 23.60 1.22 8.06
CA ALA B 91 24.13 2.14 9.07
C ALA B 91 24.50 3.52 8.54
N GLY B 92 24.59 3.68 7.21
CA GLY B 92 24.91 5.00 6.66
C GLY B 92 26.34 5.35 7.02
N MET B 93 26.61 6.61 7.33
CA MET B 93 27.93 6.92 7.91
C MET B 93 27.99 7.00 9.44
N GLY B 94 27.02 6.37 10.10
CA GLY B 94 27.06 6.15 11.56
C GLY B 94 26.33 7.20 12.38
N ARG B 95 25.36 7.86 11.76
CA ARG B 95 24.52 8.84 12.43
C ARG B 95 23.97 8.25 13.72
N LEU B 96 23.57 6.98 13.70
CA LEU B 96 23.16 6.27 14.91
C LEU B 96 24.26 5.39 15.53
N THR B 97 25.19 4.91 14.69
CA THR B 97 26.20 3.96 15.11
C THR B 97 27.15 4.58 16.12
N PHE B 98 27.55 5.83 15.87
CA PHE B 98 28.41 6.51 16.80
C PHE B 98 27.75 6.74 18.17
N PRO B 99 26.49 7.22 18.21
CA PRO B 99 25.76 7.20 19.49
C PRO B 99 25.65 5.82 20.15
N PHE B 100 25.40 4.76 19.37
CA PHE B 100 25.41 3.38 19.90
C PHE B 100 26.76 2.97 20.50
N LEU B 101 27.86 3.33 19.84
CA LEU B 101 29.18 2.97 20.33
C LEU B 101 29.48 3.71 21.64
N ASP B 102 29.01 4.95 21.73
CA ASP B 102 29.13 5.75 22.93
C ASP B 102 28.36 5.16 24.11
N LEU B 103 27.31 4.39 23.85
CA LEU B 103 26.61 3.68 24.93
C LEU B 103 27.39 2.46 25.37
N GLY B 104 28.56 2.23 24.75
CA GLY B 104 29.39 1.08 25.07
C GLY B 104 29.11 -0.20 24.29
N TRP B 105 28.11 -0.17 23.42
CA TRP B 105 27.76 -1.31 22.56
C TRP B 105 28.88 -1.74 21.62
N GLU B 106 28.88 -3.04 21.33
CA GLU B 106 29.67 -3.62 20.27
C GLU B 106 28.71 -3.71 19.07
N VAL B 107 29.01 -3.01 17.97
CA VAL B 107 28.09 -2.92 16.82
C VAL B 107 28.71 -3.47 15.52
N THR B 108 28.01 -4.41 14.89
CA THR B 108 28.22 -4.77 13.50
C THR B 108 27.31 -3.87 12.65
N ALA B 109 27.92 -3.03 11.82
CA ALA B 109 27.22 -2.03 10.99
C ALA B 109 27.24 -2.45 9.54
N LEU B 110 26.06 -2.71 9.00
CA LEU B 110 25.87 -3.19 7.64
C LEU B 110 25.40 -2.05 6.74
N GLU B 111 26.04 -1.87 5.59
CA GLU B 111 25.72 -0.75 4.70
C GLU B 111 25.99 -1.23 3.30
N LEU B 112 25.13 -0.85 2.38
CA LEU B 112 25.26 -1.29 0.99
C LEU B 112 26.26 -0.48 0.16
N SER B 113 26.29 0.84 0.35
CA SER B 113 27.10 1.69 -0.51
C SER B 113 28.61 1.70 -0.17
N THR B 114 29.44 1.42 -1.18
CA THR B 114 30.89 1.50 -1.11
C THR B 114 31.34 2.91 -0.72
N SER B 115 30.71 3.90 -1.35
CA SER B 115 31.01 5.31 -1.12
C SER B 115 30.66 5.77 0.30
N VAL B 116 29.53 5.27 0.82
CA VAL B 116 29.08 5.63 2.16
C VAL B 116 29.94 4.90 3.20
N LEU B 117 30.29 3.66 2.91
CA LEU B 117 31.27 2.92 3.72
C LEU B 117 32.62 3.62 3.88
N ALA B 118 33.11 4.24 2.82
CA ALA B 118 34.37 5.00 2.89
C ALA B 118 34.24 6.20 3.81
N ALA B 119 33.11 6.91 3.75
CA ALA B 119 32.84 8.02 4.69
C ALA B 119 32.82 7.55 6.14
N PHE B 120 32.17 6.41 6.37
CA PHE B 120 32.06 5.73 7.67
C PHE B 120 33.43 5.33 8.24
N ARG B 121 34.24 4.69 7.40
CA ARG B 121 35.58 4.23 7.72
C ARG B 121 36.50 5.41 8.12
N LYS B 122 36.38 6.51 7.39
CA LYS B 122 37.10 7.73 7.70
C LYS B 122 36.69 8.34 9.06
N ARG B 123 35.39 8.31 9.34
CA ARG B 123 34.89 8.78 10.60
C ARG B 123 35.41 7.88 11.73
N LEU B 124 35.42 6.57 11.52
CA LEU B 124 35.93 5.63 12.50
C LEU B 124 37.41 5.88 12.84
N ALA B 125 38.21 6.17 11.81
CA ALA B 125 39.63 6.51 11.95
C ALA B 125 39.88 7.76 12.81
N GLU B 126 38.88 8.65 12.86
CA GLU B 126 38.92 9.87 13.66
C GLU B 126 38.52 9.65 15.13
N ALA B 127 37.70 8.62 15.37
CA ALA B 127 37.26 8.24 16.69
C ALA B 127 38.41 7.65 17.53
N PRO B 128 38.29 7.69 18.87
CA PRO B 128 39.29 7.01 19.69
C PRO B 128 39.32 5.51 19.41
N ALA B 129 40.45 4.89 19.74
CA ALA B 129 40.72 3.49 19.47
C ALA B 129 39.71 2.54 20.12
N ASP B 130 39.21 2.89 21.29
CA ASP B 130 38.22 2.08 21.98
C ASP B 130 36.87 2.07 21.26
N VAL B 131 36.46 3.22 20.71
CA VAL B 131 35.27 3.33 19.88
C VAL B 131 35.41 2.49 18.59
N ARG B 132 36.37 2.86 17.74
CA ARG B 132 36.67 2.16 16.48
C ARG B 132 36.78 0.66 16.67
N ASP B 133 37.46 0.23 17.74
CA ASP B 133 37.67 -1.19 18.03
C ASP B 133 36.36 -1.95 18.29
N ARG B 134 35.29 -1.23 18.61
CA ARG B 134 34.01 -1.86 18.88
C ARG B 134 33.05 -1.93 17.68
N CYS B 135 33.46 -1.35 16.54
CA CYS B 135 32.66 -1.29 15.32
C CYS B 135 33.19 -2.18 14.20
N THR B 136 32.40 -3.17 13.83
CA THR B 136 32.72 -3.98 12.67
C THR B 136 31.87 -3.51 11.47
N LEU B 137 32.54 -3.01 10.44
CA LEU B 137 31.87 -2.61 9.19
C LEU B 137 31.66 -3.76 8.24
N VAL B 138 30.47 -3.86 7.66
CA VAL B 138 30.20 -4.94 6.69
C VAL B 138 29.38 -4.42 5.50
N GLN B 139 29.88 -4.67 4.28
CA GLN B 139 29.12 -4.35 3.08
C GLN B 139 28.07 -5.41 2.85
N GLY B 140 26.82 -4.95 2.74
CA GLY B 140 25.71 -5.86 2.50
C GLY B 140 24.38 -5.18 2.25
N ASP B 141 23.39 -6.00 1.92
CA ASP B 141 22.09 -5.56 1.49
C ASP B 141 21.15 -5.99 2.59
N MET B 142 20.58 -5.03 3.32
CA MET B 142 19.63 -5.30 4.43
C MET B 142 18.42 -6.17 4.02
N SER B 143 18.07 -6.15 2.73
CA SER B 143 16.93 -6.91 2.22
C SER B 143 17.33 -8.36 1.86
N ALA B 144 18.61 -8.68 1.94
CA ALA B 144 19.15 -9.98 1.57
C ALA B 144 20.61 -10.12 2.01
N PHE B 145 20.82 -10.56 3.25
CA PHE B 145 22.16 -10.71 3.78
C PHE B 145 22.34 -12.01 4.53
N ALA B 146 23.61 -12.41 4.67
CA ALA B 146 23.99 -13.61 5.40
C ALA B 146 25.38 -13.42 5.99
N LEU B 147 25.44 -13.34 7.30
CA LEU B 147 26.65 -13.11 8.04
C LEU B 147 26.97 -14.36 8.80
N ASP B 148 26.07 -15.32 8.71
CA ASP B 148 26.22 -16.61 9.34
C ASP B 148 26.14 -16.53 10.86
N LYS B 149 26.48 -15.38 11.42
CA LYS B 149 26.39 -15.12 12.85
C LYS B 149 24.99 -14.71 13.28
N ARG B 150 24.68 -14.81 14.55
CA ARG B 150 23.41 -14.38 15.12
C ARG B 150 23.66 -13.36 16.25
N PHE B 151 22.64 -12.56 16.55
CA PHE B 151 22.77 -11.39 17.40
C PHE B 151 21.60 -11.29 18.38
N GLY B 152 21.88 -10.80 19.58
CA GLY B 152 20.84 -10.60 20.58
C GLY B 152 19.91 -9.46 20.24
N THR B 153 20.43 -8.49 19.47
CA THR B 153 19.69 -7.29 19.07
C THR B 153 19.95 -6.93 17.59
N VAL B 154 18.87 -6.67 16.84
CA VAL B 154 18.93 -6.18 15.46
C VAL B 154 18.16 -4.85 15.37
N VAL B 155 18.83 -3.84 14.84
CA VAL B 155 18.34 -2.46 14.84
C VAL B 155 18.24 -1.88 13.41
N ILE B 156 17.17 -1.14 13.13
CA ILE B 156 17.05 -0.41 11.87
C ILE B 156 16.29 0.89 12.08
N SER B 157 16.77 2.00 11.50
CA SER B 157 16.02 3.26 11.54
C SER B 157 14.99 3.50 10.39
N SER B 158 14.08 4.46 10.64
CA SER B 158 13.04 4.82 9.70
C SER B 158 13.55 5.13 8.28
N GLY B 159 14.64 5.89 8.20
CA GLY B 159 15.19 6.31 6.90
C GLY B 159 15.57 5.09 6.10
N SER B 160 15.97 4.05 6.81
CA SER B 160 16.37 2.83 6.18
C SER B 160 15.18 1.97 5.76
N ILE B 161 14.27 1.63 6.67
CA ILE B 161 13.15 0.78 6.25
C ILE B 161 12.29 1.37 5.11
N ASN B 162 12.09 2.69 5.11
CA ASN B 162 11.36 3.37 4.02
C ASN B 162 12.09 3.38 2.69
N GLU B 163 13.34 2.91 2.72
CA GLU B 163 14.15 2.74 1.53
C GLU B 163 13.68 1.52 0.71
N LEU B 164 12.96 0.61 1.36
CA LEU B 164 12.63 -0.68 0.75
C LEU B 164 11.17 -0.73 0.33
N ASP B 165 10.92 -1.28 -0.87
CA ASP B 165 9.55 -1.54 -1.30
C ASP B 165 9.05 -2.81 -0.62
N GLU B 166 7.81 -3.18 -0.90
CA GLU B 166 7.13 -4.26 -0.17
C GLU B 166 7.84 -5.60 -0.24
N ALA B 167 8.21 -6.04 -1.43
CA ALA B 167 8.92 -7.30 -1.61
C ALA B 167 10.27 -7.26 -0.92
N ASP B 168 10.99 -6.14 -1.04
CA ASP B 168 12.30 -6.01 -0.36
C ASP B 168 12.17 -6.03 1.16
N ARG B 169 11.06 -5.48 1.68
CA ARG B 169 10.80 -5.55 3.13
C ARG B 169 10.62 -6.97 3.66
N ARG B 170 9.93 -7.82 2.90
CA ARG B 170 9.87 -9.25 3.21
C ARG B 170 11.24 -9.90 3.20
N GLY B 171 12.08 -9.50 2.23
CA GLY B 171 13.49 -9.87 2.23
C GLY B 171 14.18 -9.52 3.55
N LEU B 172 14.10 -8.24 3.92
CA LEU B 172 14.54 -7.77 5.23
C LEU B 172 14.01 -8.61 6.40
N TYR B 173 12.69 -8.79 6.48
CA TYR B 173 12.13 -9.48 7.65
C TYR B 173 12.72 -10.89 7.76
N ALA B 174 12.76 -11.60 6.65
CA ALA B 174 13.25 -12.98 6.58
C ALA B 174 14.72 -13.09 7.00
N SER B 175 15.54 -12.19 6.48
CA SER B 175 16.95 -12.05 6.86
C SER B 175 17.19 -11.80 8.33
N VAL B 176 16.35 -10.96 8.94
CA VAL B 176 16.43 -10.67 10.35
C VAL B 176 16.11 -11.92 11.18
N ARG B 177 15.12 -12.70 10.74
CA ARG B 177 14.73 -13.94 11.42
C ARG B 177 15.90 -14.91 11.49
N GLU B 178 16.71 -14.94 10.44
CA GLU B 178 17.89 -15.80 10.34
C GLU B 178 19.10 -15.30 11.15
N HIS B 179 19.02 -14.08 11.65
CA HIS B 179 20.16 -13.48 12.35
C HIS B 179 19.80 -13.09 13.78
N LEU B 180 18.64 -13.52 14.25
CA LEU B 180 18.27 -13.34 15.64
C LEU B 180 18.46 -14.64 16.42
N GLU B 181 19.15 -14.54 17.55
CA GLU B 181 19.24 -15.67 18.47
C GLU B 181 17.93 -15.75 19.26
N PRO B 182 17.59 -16.95 19.81
CA PRO B 182 16.30 -17.09 20.48
C PRO B 182 16.18 -16.10 21.64
N GLY B 183 15.02 -15.44 21.75
CA GLY B 183 14.83 -14.39 22.74
C GLY B 183 15.43 -13.05 22.32
N GLY B 184 15.91 -12.99 21.07
CA GLY B 184 16.49 -11.78 20.50
C GLY B 184 15.43 -10.73 20.18
N LYS B 185 15.85 -9.47 20.15
CA LYS B 185 14.96 -8.33 19.91
C LYS B 185 15.25 -7.67 18.58
N PHE B 186 14.21 -7.47 17.78
CA PHE B 186 14.30 -6.71 16.53
C PHE B 186 13.62 -5.36 16.74
N LEU B 187 14.41 -4.28 16.64
CA LEU B 187 13.93 -2.93 16.91
C LEU B 187 13.99 -2.03 15.69
N LEU B 188 12.92 -1.27 15.51
CA LEU B 188 12.76 -0.43 14.35
C LEU B 188 12.28 0.93 14.82
N SER B 189 12.85 2.02 14.31
CA SER B 189 12.18 3.31 14.44
C SER B 189 11.50 3.64 13.12
N LEU B 190 10.36 4.32 13.19
CA LEU B 190 9.50 4.56 12.04
C LEU B 190 8.94 5.98 12.16
N ALA B 191 9.16 6.81 11.17
CA ALA B 191 8.47 8.10 11.13
C ALA B 191 6.93 7.97 11.04
N MET B 192 6.25 8.84 11.77
CA MET B 192 4.79 8.81 11.93
C MET B 192 4.26 10.16 11.50
N SER B 193 3.61 10.19 10.34
CA SER B 193 3.01 11.41 9.81
C SER B 193 1.76 11.82 10.59
N GLU B 194 1.22 12.98 10.24
CA GLU B 194 -0.02 13.50 10.80
C GLU B 194 -1.19 12.58 10.54
N ALA B 195 -1.19 11.95 9.35
CA ALA B 195 -2.25 11.05 8.95
C ALA B 195 -2.14 9.71 9.66
N ALA B 196 -0.91 9.22 9.80
CA ALA B 196 -0.65 7.97 10.50
C ALA B 196 -1.00 8.06 12.00
N GLU B 197 -0.81 9.20 12.64
CA GLU B 197 -1.13 9.28 14.06
C GLU B 197 -2.61 9.51 14.34
N SER B 198 -3.33 10.10 13.37
CA SER B 198 -4.73 10.51 13.56
C SER B 198 -5.66 9.33 13.64
N GLU B 199 -6.71 9.46 14.46
CA GLU B 199 -7.80 8.51 14.40
C GLU B 199 -8.56 8.68 13.07
N PRO B 200 -8.73 7.57 12.32
CA PRO B 200 -9.47 7.60 11.06
C PRO B 200 -10.95 7.98 11.25
N LEU B 201 -11.43 8.88 10.40
CA LEU B 201 -12.85 9.26 10.38
C LEU B 201 -13.77 8.12 9.87
N GLU B 202 -14.57 7.60 10.79
CA GLU B 202 -15.56 6.58 10.49
C GLU B 202 -16.81 7.21 9.88
N ARG B 203 -17.24 6.69 8.73
CA ARG B 203 -18.52 7.07 8.09
C ARG B 203 -19.62 6.00 8.24
N LYS B 204 -20.82 6.46 8.59
CA LYS B 204 -22.02 5.65 8.75
C LYS B 204 -22.97 5.85 7.58
N GLN B 205 -23.60 4.76 7.13
CA GLN B 205 -24.71 4.85 6.18
C GLN B 205 -25.78 3.80 6.51
N GLU B 206 -27.05 4.22 6.45
CA GLU B 206 -28.18 3.31 6.63
C GLU B 206 -28.70 2.79 5.29
N LEU B 207 -28.72 1.47 5.11
CA LEU B 207 -29.12 0.85 3.84
C LEU B 207 -30.14 -0.31 3.97
N PRO B 208 -31.11 -0.39 3.02
CA PRO B 208 -32.16 -1.41 3.04
C PRO B 208 -31.90 -2.67 2.17
N GLY B 209 -32.87 -3.04 1.33
CA GLY B 209 -32.78 -4.25 0.50
C GLY B 209 -33.99 -4.45 -0.39
N GLY B 212 -35.80 -4.91 2.32
CA GLY B 212 -36.53 -4.28 3.42
C GLY B 212 -35.76 -4.28 4.73
N ARG B 213 -34.92 -5.30 4.92
CA ARG B 213 -34.08 -5.40 6.11
C ARG B 213 -33.03 -4.29 6.09
N ARG B 214 -32.98 -3.53 7.17
CA ARG B 214 -32.08 -2.39 7.22
C ARG B 214 -30.72 -2.78 7.79
N TYR B 215 -29.68 -2.18 7.22
CA TYR B 215 -28.31 -2.40 7.67
C TYR B 215 -27.62 -1.06 7.95
N VAL B 216 -26.66 -1.10 8.86
CA VAL B 216 -25.75 0.02 9.08
C VAL B 216 -24.37 -0.35 8.54
N LEU B 217 -23.92 0.40 7.55
CA LEU B 217 -22.56 0.30 7.01
C LEU B 217 -21.62 1.34 7.62
N HIS B 218 -20.56 0.86 8.25
CA HIS B 218 -19.46 1.68 8.75
C HIS B 218 -18.23 1.48 7.84
N VAL B 219 -17.65 2.59 7.37
CA VAL B 219 -16.41 2.58 6.57
C VAL B 219 -15.35 3.47 7.24
N ARG B 220 -14.12 2.95 7.37
CA ARG B 220 -12.93 3.73 7.75
C ARG B 220 -11.82 3.43 6.74
N HIS B 221 -10.91 4.39 6.61
CA HIS B 221 -9.70 4.21 5.82
C HIS B 221 -8.50 4.37 6.72
N LEU B 222 -7.74 3.29 6.88
CA LEU B 222 -6.50 3.22 7.66
C LEU B 222 -5.29 3.55 6.80
N PRO B 223 -4.42 4.44 7.29
CA PRO B 223 -3.18 4.78 6.59
C PRO B 223 -2.28 3.57 6.36
N ALA B 224 -1.65 3.51 5.22
CA ALA B 224 -0.74 2.42 4.97
C ALA B 224 0.57 2.95 4.42
N GLU B 225 0.48 3.75 3.37
CA GLU B 225 1.65 4.38 2.80
C GLU B 225 1.29 5.74 2.23
N GLU B 226 2.16 6.70 2.49
CA GLU B 226 2.13 8.01 1.88
C GLU B 226 3.41 8.25 1.14
N ILE B 227 3.44 9.30 0.35
CA ILE B 227 4.68 9.79 -0.26
C ILE B 227 4.95 11.14 0.40
N GLN B 228 6.16 11.32 0.93
CA GLN B 228 6.64 12.65 1.35
C GLN B 228 7.24 13.41 0.17
N GLU B 229 6.56 14.49 -0.22
CA GLU B 229 7.01 15.30 -1.35
C GLU B 229 7.62 16.61 -0.86
N ILE B 230 8.80 16.92 -1.39
CA ILE B 230 9.54 18.09 -0.97
C ILE B 230 9.83 19.03 -2.15
N THR B 231 9.68 20.33 -1.92
CA THR B 231 10.16 21.34 -2.85
C THR B 231 10.96 22.38 -2.06
N ILE B 232 12.27 22.38 -2.29
CA ILE B 232 13.19 23.34 -1.66
C ILE B 232 13.23 24.64 -2.44
N HIS B 233 13.27 25.76 -1.74
CA HIS B 233 12.90 27.05 -2.30
C HIS B 233 13.80 28.22 -1.85
N PRO B 234 14.51 28.88 -2.80
CA PRO B 234 15.14 30.18 -2.55
C PRO B 234 14.11 31.32 -2.47
N ALA B 235 13.98 31.91 -1.28
CA ALA B 235 12.86 32.80 -0.93
C ALA B 235 12.71 34.12 -1.70
N ASP B 236 13.66 34.45 -2.59
CA ASP B 236 13.67 35.75 -3.29
C ASP B 236 12.37 36.05 -4.06
N VAL B 244 15.54 25.34 -7.83
CA VAL B 244 14.27 24.62 -7.69
C VAL B 244 14.51 23.13 -7.40
N CYS B 245 14.54 22.78 -6.10
CA CYS B 245 14.87 21.42 -5.68
C CYS B 245 13.65 20.57 -5.31
N THR B 246 13.75 19.27 -5.60
CA THR B 246 12.60 18.36 -5.65
C THR B 246 12.91 16.98 -5.03
N HIS B 247 11.96 16.39 -4.30
CA HIS B 247 12.10 15.00 -3.88
C HIS B 247 10.81 14.33 -3.39
N ARG B 248 10.54 13.12 -3.92
CA ARG B 248 9.47 12.25 -3.41
CA ARG B 248 9.48 12.25 -3.41
C ARG B 248 10.08 11.02 -2.74
N ARG B 249 9.73 10.80 -1.47
CA ARG B 249 10.11 9.53 -0.79
C ARG B 249 8.92 8.80 -0.11
N ARG B 250 9.07 7.49 0.04
CA ARG B 250 8.08 6.63 0.69
C ARG B 250 7.97 6.95 2.18
N LEU B 251 6.75 6.89 2.70
CA LEU B 251 6.53 7.15 4.11
C LEU B 251 5.44 6.16 4.58
N LEU B 252 5.91 5.04 5.17
CA LEU B 252 5.06 3.99 5.69
C LEU B 252 4.45 4.37 7.02
N ALA B 253 3.20 3.95 7.24
CA ALA B 253 2.53 4.13 8.54
C ALA B 253 3.11 3.08 9.45
N PRO B 254 3.49 3.46 10.70
CA PRO B 254 4.03 2.43 11.59
C PRO B 254 3.09 1.22 11.70
N ASP B 255 1.77 1.45 11.79
CA ASP B 255 0.80 0.35 11.81
C ASP B 255 0.91 -0.62 10.64
N GLN B 256 1.16 -0.09 9.43
CA GLN B 256 1.46 -0.91 8.24
C GLN B 256 2.67 -1.84 8.43
N VAL B 257 3.80 -1.29 8.82
CA VAL B 257 4.99 -2.08 9.10
C VAL B 257 4.71 -3.13 10.19
N VAL B 258 4.01 -2.75 11.25
CA VAL B 258 3.62 -3.71 12.27
C VAL B 258 2.76 -4.87 11.70
N ARG B 259 1.77 -4.57 10.86
CA ARG B 259 0.99 -5.62 10.20
C ARG B 259 1.91 -6.53 9.40
N GLU B 260 2.87 -5.93 8.69
CA GLU B 260 3.84 -6.68 7.91
C GLU B 260 4.72 -7.56 8.81
N LEU B 261 5.11 -7.04 9.98
CA LEU B 261 5.98 -7.78 10.88
C LEU B 261 5.28 -9.04 11.36
N VAL B 262 4.05 -8.89 11.81
CA VAL B 262 3.21 -9.99 12.29
C VAL B 262 3.02 -11.05 11.19
N ARG B 263 2.63 -10.60 10.00
CA ARG B 263 2.51 -11.43 8.82
C ARG B 263 3.78 -12.23 8.49
N SER B 264 4.94 -11.69 8.85
CA SER B 264 6.19 -12.36 8.51
C SER B 264 6.76 -13.21 9.64
N GLY B 265 6.05 -13.29 10.76
CA GLY B 265 6.45 -14.20 11.83
C GLY B 265 6.60 -13.59 13.21
N PHE B 266 6.81 -12.28 13.28
CA PHE B 266 7.11 -11.64 14.56
C PHE B 266 5.89 -11.40 15.43
N ASP B 267 6.10 -11.41 16.74
CA ASP B 267 5.18 -10.79 17.69
C ASP B 267 5.72 -9.40 17.93
N VAL B 268 4.86 -8.39 17.77
CA VAL B 268 5.21 -7.02 18.08
C VAL B 268 4.75 -6.70 19.49
N ILE B 269 5.69 -6.54 20.40
CA ILE B 269 5.36 -6.44 21.84
C ILE B 269 5.20 -5.01 22.33
N ALA B 270 5.70 -4.04 21.57
CA ALA B 270 5.57 -2.63 21.95
C ALA B 270 5.77 -1.68 20.79
N GLN B 271 5.02 -0.59 20.83
CA GLN B 271 5.13 0.48 19.86
C GLN B 271 5.05 1.76 20.67
N THR B 272 6.18 2.45 20.78
CA THR B 272 6.33 3.61 21.64
C THR B 272 6.61 4.85 20.82
N PRO B 273 5.65 5.79 20.75
CA PRO B 273 5.93 7.05 20.09
C PRO B 273 7.06 7.79 20.82
N PHE B 274 7.83 8.58 20.08
CA PHE B 274 8.89 9.39 20.66
C PHE B 274 9.19 10.53 19.72
N ALA B 275 9.88 11.54 20.23
CA ALA B 275 10.29 12.69 19.46
C ALA B 275 11.70 12.46 18.92
N SER B 276 11.86 12.47 17.59
CA SER B 276 13.16 12.18 16.98
C SER B 276 14.30 13.08 17.51
N GLY B 277 14.03 14.38 17.60
CA GLY B 277 15.03 15.33 18.06
C GLY B 277 15.07 15.47 19.59
N GLY B 278 14.32 14.61 20.30
CA GLY B 278 14.40 14.51 21.76
C GLY B 278 13.54 15.50 22.53
N ALA B 279 12.74 16.27 21.81
CA ALA B 279 11.90 17.31 22.40
C ALA B 279 10.75 17.63 21.46
N GLY B 280 9.60 17.98 22.03
CA GLY B 280 8.45 18.42 21.26
C GLY B 280 7.53 17.29 20.87
N ARG B 281 6.82 17.49 19.76
CA ARG B 281 5.89 16.49 19.22
C ARG B 281 6.57 15.17 18.93
N LYS B 282 5.88 14.09 19.25
CA LYS B 282 6.35 12.75 19.00
C LYS B 282 6.03 12.39 17.54
N ASP B 283 7.09 12.27 16.74
CA ASP B 283 6.97 12.13 15.28
C ASP B 283 7.51 10.78 14.78
N MET B 284 7.75 9.86 15.71
CA MET B 284 8.28 8.55 15.42
C MET B 284 7.71 7.51 16.37
N VAL B 285 7.88 6.25 16.02
CA VAL B 285 7.50 5.12 16.86
C VAL B 285 8.67 4.14 16.93
N LEU B 286 9.01 3.72 18.15
CA LEU B 286 9.88 2.58 18.32
C LEU B 286 9.11 1.28 18.39
N VAL B 287 9.34 0.42 17.41
CA VAL B 287 8.70 -0.89 17.39
C VAL B 287 9.68 -1.94 17.90
N GLU B 288 9.23 -2.70 18.89
CA GLU B 288 9.97 -3.85 19.38
C GLU B 288 9.31 -5.10 18.85
N ALA B 289 10.06 -5.92 18.12
CA ALA B 289 9.54 -7.18 17.61
C ALA B 289 10.42 -8.34 18.09
N VAL B 290 9.79 -9.49 18.32
CA VAL B 290 10.48 -10.67 18.82
C VAL B 290 9.99 -11.91 18.09
N MET B 291 10.81 -12.96 18.04
CA MET B 291 10.43 -14.19 17.36
C MET B 291 9.86 -15.21 18.35
N PRO B 292 8.61 -15.64 18.14
CA PRO B 292 7.99 -16.65 18.99
C PRO B 292 8.42 -18.07 18.63
#